data_1V0O
#
_entry.id   1V0O
#
_cell.length_a   60.562
_cell.length_b   88.277
_cell.length_c   63.857
_cell.angle_alpha   90.00
_cell.angle_beta   97.33
_cell.angle_gamma   90.00
#
_symmetry.space_group_name_H-M   'P 1 21 1'
#
loop_
_entity.id
_entity.type
_entity.pdbx_description
1 polymer 'CELL DIVISION CONTROL PROTEIN 2 HOMOLOG'
2 non-polymer "2',3-DIOXO-1,1',2',3-TETRAHYDRO-2,3'-BIINDOLE-5'-SULFONIC ACID"
3 water water
#
_entity_poly.entity_id   1
_entity_poly.type   'polypeptide(L)'
_entity_poly.pdbx_seq_one_letter_code
;MEKYHGLEKIGEGTYGVVYKAQNNYGETFALKKIRLEKEDEGIPSTTIREISILKELKHSNIVKLYDVIHTKKRLVLVFE
HLDQDLKKLLDVCEGGLESVTAKSFLLQLLNGIAYCHDRRVLHRDLKPQNLLINREGELKIADFGLARAFGIPVRKYTHE
VVTLWYRAPDVLMGSKKYSTTIDIWSVGCIFAEMVNGTPLFPGVSEADQLMRIFRILGTPNSKNWPNVTELPKYDPNFTV
YEPLPWESFLKGLDESGIDLLSKMLKLDPNQRITAKQALEHAYFKENN
;
_entity_poly.pdbx_strand_id   A,B
#
loop_
_chem_comp.id
_chem_comp.type
_chem_comp.name
_chem_comp.formula
INR non-polymer '2',3-DIOXO-1,1',2',3-TETRAHYDRO-2,3'-BIINDOLE-5'-SULFONIC ACID' 'C16 H10 N2 O5 S'
#
# COMPACT_ATOMS: atom_id res chain seq x y z
N LYS A 3 18.27 12.53 28.95
CA LYS A 3 17.95 11.40 29.86
C LYS A 3 16.61 11.63 30.57
N TYR A 4 15.80 10.59 30.64
CA TYR A 4 14.46 10.65 31.22
C TYR A 4 14.29 9.48 32.17
N HIS A 5 13.40 9.61 33.15
CA HIS A 5 13.24 8.57 34.19
C HIS A 5 11.88 8.65 34.87
N GLY A 6 11.60 7.64 35.69
CA GLY A 6 10.30 7.54 36.36
C GLY A 6 9.19 7.25 35.36
N LEU A 7 9.50 6.43 34.35
CA LEU A 7 8.54 6.10 33.30
C LEU A 7 7.32 5.40 33.87
N GLU A 8 6.15 5.78 33.36
CA GLU A 8 4.88 5.21 33.75
C GLU A 8 4.01 5.06 32.51
N LYS A 9 3.61 3.84 32.19
CA LYS A 9 2.74 3.60 31.04
C LYS A 9 1.45 4.40 31.16
N ILE A 10 1.14 5.22 30.16
CA ILE A 10 -0.14 5.95 30.08
C ILE A 10 -0.99 5.57 28.87
N GLY A 11 -0.39 4.89 27.90
CA GLY A 11 -1.10 4.52 26.69
C GLY A 11 -0.46 3.44 25.87
N GLU A 12 -1.21 2.90 24.94
CA GLU A 12 -0.70 1.90 24.02
C GLU A 12 -1.47 1.94 22.70
N GLY A 13 -0.72 2.06 21.61
CA GLY A 13 -1.23 1.86 20.27
C GLY A 13 -0.56 0.66 19.66
N THR A 14 -0.77 0.48 18.36
CA THR A 14 -0.26 -0.70 17.65
C THR A 14 1.25 -0.68 17.49
N TYR A 15 1.82 0.51 17.26
CA TYR A 15 3.23 0.63 16.89
C TYR A 15 4.10 1.24 17.99
N GLY A 16 3.60 1.26 19.22
CA GLY A 16 4.40 1.74 20.33
C GLY A 16 3.68 1.89 21.66
N VAL A 17 4.47 1.95 22.74
CA VAL A 17 3.96 2.22 24.08
C VAL A 17 4.32 3.66 24.46
N VAL A 18 3.36 4.39 25.00
CA VAL A 18 3.59 5.76 25.47
C VAL A 18 3.74 5.76 26.99
N TYR A 19 4.76 6.45 27.50
CA TYR A 19 5.03 6.60 28.93
C TYR A 19 5.12 8.07 29.34
N LYS A 20 4.57 8.42 30.49
CA LYS A 20 4.88 9.69 31.16
C LYS A 20 6.25 9.59 31.84
N ALA A 21 7.11 10.59 31.66
CA ALA A 21 8.46 10.63 32.22
C ALA A 21 8.91 12.04 32.62
N GLN A 22 9.98 12.13 33.42
CA GLN A 22 10.58 13.43 33.78
C GLN A 22 12.00 13.54 33.24
N ASN A 23 12.41 14.74 32.82
CA ASN A 23 13.80 14.97 32.47
C ASN A 23 14.58 15.27 33.75
N ASN A 24 15.83 15.71 33.62
CA ASN A 24 16.68 15.95 34.79
C ASN A 24 16.35 17.23 35.56
N TYR A 25 15.36 18.00 35.08
CA TYR A 25 14.91 19.24 35.74
C TYR A 25 13.48 19.16 36.26
N GLY A 26 12.93 17.95 36.26
CA GLY A 26 11.60 17.72 36.79
C GLY A 26 10.45 17.99 35.84
N GLU A 27 10.76 18.34 34.60
CA GLU A 27 9.73 18.64 33.59
C GLU A 27 9.18 17.37 32.97
N THR A 28 7.87 17.35 32.73
CA THR A 28 7.19 16.17 32.23
C THR A 28 7.02 16.15 30.71
N PHE A 29 7.26 14.97 30.13
CA PHE A 29 7.10 14.74 28.69
C PHE A 29 6.47 13.36 28.48
N ALA A 30 6.07 13.08 27.25
CA ALA A 30 5.52 11.79 26.87
C ALA A 30 6.53 11.08 25.99
N LEU A 31 6.91 9.86 26.35
CA LEU A 31 7.91 9.11 25.58
C LEU A 31 7.23 7.97 24.83
N LYS A 32 7.37 7.96 23.51
CA LYS A 32 6.81 6.91 22.66
C LYS A 32 7.91 5.93 22.27
N LYS A 33 7.93 4.78 22.93
CA LYS A 33 8.84 3.71 22.55
C LYS A 33 8.27 2.95 21.35
N ILE A 34 8.99 2.96 20.23
CA ILE A 34 8.57 2.28 19.01
C ILE A 34 8.90 0.79 19.13
N ARG A 35 8.08 -0.05 18.51
CA ARG A 35 8.19 -1.52 18.65
C ARG A 35 9.08 -2.19 17.58
N LEU A 36 9.83 -1.39 16.82
CA LEU A 36 10.87 -1.88 15.91
C LEU A 36 10.45 -3.07 15.03
N SER A 45 12.09 3.60 8.60
CA SER A 45 11.59 4.44 7.51
C SER A 45 10.16 4.89 7.78
N THR A 46 9.34 4.00 8.35
CA THR A 46 8.00 4.38 8.81
C THR A 46 8.09 5.44 9.91
N THR A 47 9.04 5.27 10.82
CA THR A 47 9.26 6.26 11.88
C THR A 47 9.79 7.58 11.31
N ILE A 48 10.68 7.50 10.33
CA ILE A 48 11.21 8.71 9.67
C ILE A 48 10.08 9.54 9.02
N ARG A 49 9.10 8.86 8.41
CA ARG A 49 7.99 9.55 7.75
C ARG A 49 7.07 10.27 8.77
N GLU A 50 6.74 9.59 9.85
CA GLU A 50 6.00 10.21 10.96
C GLU A 50 6.70 11.45 11.54
N ILE A 51 8.00 11.34 11.76
CA ILE A 51 8.80 12.47 12.25
C ILE A 51 8.78 13.66 11.27
N SER A 52 8.80 13.39 9.97
CA SER A 52 8.81 14.50 8.99
C SER A 52 7.52 15.30 9.07
N ILE A 53 6.40 14.61 9.28
CA ILE A 53 5.10 15.24 9.48
C ILE A 53 5.08 16.10 10.76
N LEU A 54 5.57 15.54 11.86
CA LEU A 54 5.59 16.23 13.15
C LEU A 54 6.49 17.46 13.11
N LYS A 55 7.52 17.42 12.27
CA LYS A 55 8.43 18.54 12.10
C LYS A 55 7.77 19.67 11.29
N GLU A 56 6.99 19.30 10.30
CA GLU A 56 6.28 20.23 9.42
C GLU A 56 5.11 20.94 10.11
N LEU A 57 4.33 20.18 10.86
CA LEU A 57 3.13 20.72 11.49
C LEU A 57 3.47 21.45 12.80
N LYS A 58 3.23 22.75 12.83
CA LYS A 58 3.36 23.55 14.05
C LYS A 58 2.05 24.33 14.25
N HIS A 59 1.26 23.89 15.22
CA HIS A 59 -0.09 24.44 15.45
C HIS A 59 -0.50 24.17 16.90
N SER A 60 -1.29 25.09 17.46
CA SER A 60 -1.78 24.98 18.83
C SER A 60 -2.46 23.65 19.15
N ASN A 61 -3.17 23.09 18.17
CA ASN A 61 -3.97 21.88 18.35
C ASN A 61 -3.38 20.62 17.71
N ILE A 62 -2.05 20.60 17.60
CA ILE A 62 -1.28 19.44 17.15
C ILE A 62 -0.13 19.21 18.12
N VAL A 63 0.04 17.96 18.57
CA VAL A 63 1.07 17.64 19.58
C VAL A 63 2.49 17.91 19.05
N LYS A 64 3.33 18.46 19.90
CA LYS A 64 4.68 18.85 19.50
C LYS A 64 5.70 17.77 19.84
N LEU A 65 6.56 17.47 18.87
CA LEU A 65 7.69 16.57 19.08
C LEU A 65 8.92 17.40 19.47
N TYR A 66 9.67 16.92 20.45
CA TYR A 66 10.81 17.65 20.99
C TYR A 66 12.14 17.03 20.59
N ASP A 67 12.25 15.70 20.64
CA ASP A 67 13.37 15.05 19.94
C ASP A 67 13.24 13.54 19.75
N VAL A 68 14.28 12.96 19.16
CA VAL A 68 14.33 11.56 18.77
C VAL A 68 15.65 10.95 19.25
N ILE A 69 15.57 9.91 20.08
CA ILE A 69 16.77 9.26 20.63
C ILE A 69 16.94 7.87 20.01
N HIS A 70 18.00 7.70 19.23
CA HIS A 70 18.22 6.48 18.45
C HIS A 70 19.38 5.64 19.01
N THR A 71 19.04 4.71 19.90
CA THR A 71 19.93 3.59 20.22
C THR A 71 19.82 2.56 19.09
N LYS A 72 20.76 1.62 19.04
CA LYS A 72 20.69 0.54 18.06
C LYS A 72 19.52 -0.40 18.36
N LYS A 73 19.27 -0.67 19.64
CA LYS A 73 18.18 -1.57 20.07
C LYS A 73 16.97 -0.83 20.65
N ARG A 74 17.00 0.51 20.62
CA ARG A 74 15.91 1.33 21.18
C ARG A 74 15.69 2.63 20.41
N LEU A 75 14.43 3.02 20.25
CA LEU A 75 14.07 4.26 19.57
C LEU A 75 12.91 4.91 20.31
N VAL A 76 13.08 6.17 20.69
CA VAL A 76 12.09 6.86 21.52
C VAL A 76 11.84 8.28 21.00
N LEU A 77 10.58 8.60 20.76
CA LEU A 77 10.16 9.95 20.41
C LEU A 77 9.69 10.67 21.66
N VAL A 78 10.24 11.86 21.89
CA VAL A 78 9.93 12.66 23.06
C VAL A 78 8.94 13.76 22.68
N PHE A 79 7.78 13.79 23.32
CA PHE A 79 6.70 14.70 22.97
C PHE A 79 6.32 15.57 24.17
N GLU A 80 5.57 16.64 23.93
CA GLU A 80 4.88 17.33 25.03
C GLU A 80 3.82 16.40 25.64
N HIS A 81 3.49 16.63 26.91
CA HIS A 81 2.60 15.76 27.67
C HIS A 81 1.27 16.41 28.01
N LEU A 82 0.19 15.68 27.79
CA LEU A 82 -1.15 16.06 28.21
C LEU A 82 -1.71 14.95 29.09
N ASP A 83 -2.39 15.34 30.16
CA ASP A 83 -2.81 14.43 31.23
C ASP A 83 -3.80 13.37 30.76
N GLN A 84 -4.64 13.74 29.80
CA GLN A 84 -5.84 12.99 29.44
C GLN A 84 -6.03 12.85 27.92
N ASP A 85 -6.90 11.93 27.53
CA ASP A 85 -7.43 11.92 26.17
C ASP A 85 -8.96 11.97 26.22
N LEU A 86 -9.58 12.17 25.06
CA LEU A 86 -11.03 12.40 25.01
C LEU A 86 -11.77 11.14 25.44
N LYS A 87 -11.24 9.97 25.11
CA LYS A 87 -11.87 8.70 25.46
C LYS A 87 -12.10 8.56 26.96
N LYS A 88 -11.12 8.96 27.76
CA LYS A 88 -11.24 8.94 29.21
C LYS A 88 -12.27 9.95 29.71
N LEU A 89 -12.30 11.14 29.10
CA LEU A 89 -13.30 12.14 29.46
C LEU A 89 -14.72 11.63 29.17
N LEU A 90 -14.90 10.97 28.04
CA LEU A 90 -16.21 10.39 27.67
C LEU A 90 -16.56 9.19 28.55
N ASP A 91 -15.57 8.39 28.91
CA ASP A 91 -15.80 7.18 29.70
C ASP A 91 -16.40 7.57 31.05
N VAL A 92 -15.72 8.44 31.78
CA VAL A 92 -16.20 8.92 33.07
C VAL A 92 -17.50 9.72 32.93
N CYS A 93 -17.66 10.38 31.79
CA CYS A 93 -18.78 11.28 31.61
C CYS A 93 -20.10 10.55 31.45
N GLU A 94 -21.05 10.99 32.26
CA GLU A 94 -22.44 10.81 32.00
C GLU A 94 -22.79 11.06 30.54
N GLY A 95 -23.18 10.02 29.81
CA GLY A 95 -23.64 10.18 28.45
C GLY A 95 -23.50 11.58 27.86
N GLY A 96 -22.27 11.97 27.56
CA GLY A 96 -22.02 13.16 26.75
C GLY A 96 -21.55 14.37 27.54
N LEU A 97 -20.71 15.16 26.89
CA LEU A 97 -20.12 16.37 27.47
C LEU A 97 -21.15 17.50 27.52
N GLU A 98 -20.84 18.57 28.24
CA GLU A 98 -21.70 19.76 28.24
C GLU A 98 -21.54 20.52 26.93
N SER A 99 -22.62 21.11 26.43
CA SER A 99 -22.63 21.79 25.12
C SER A 99 -21.41 22.71 24.87
N VAL A 100 -21.12 23.60 25.81
CA VAL A 100 -20.03 24.57 25.64
C VAL A 100 -18.67 23.87 25.50
N THR A 101 -18.46 22.80 26.26
CA THR A 101 -17.27 21.99 26.15
C THR A 101 -17.18 21.25 24.81
N ALA A 102 -18.30 20.69 24.35
CA ALA A 102 -18.32 19.95 23.10
C ALA A 102 -18.00 20.88 21.95
N LYS A 103 -18.61 22.07 21.96
CA LYS A 103 -18.33 23.08 20.95
C LYS A 103 -16.84 23.43 20.91
N SER A 104 -16.24 23.58 22.10
CA SER A 104 -14.85 23.99 22.23
C SER A 104 -13.90 22.95 21.67
N PHE A 105 -14.13 21.68 22.01
CA PHE A 105 -13.30 20.61 21.49
C PHE A 105 -13.45 20.47 19.98
N LEU A 106 -14.66 20.59 19.46
CA LEU A 106 -14.89 20.51 18.02
C LEU A 106 -14.22 21.64 17.27
N LEU A 107 -14.24 22.84 17.85
CA LEU A 107 -13.64 23.99 17.18
C LEU A 107 -12.13 23.81 17.13
N GLN A 108 -11.55 23.27 18.20
CA GLN A 108 -10.12 23.07 18.28
C GLN A 108 -9.70 21.94 17.35
N LEU A 109 -10.45 20.85 17.36
CA LEU A 109 -10.23 19.73 16.42
C LEU A 109 -10.28 20.20 14.96
N LEU A 110 -11.30 20.98 14.62
CA LEU A 110 -11.44 21.55 13.28
C LEU A 110 -10.27 22.45 12.89
N ASN A 111 -9.78 23.27 13.82
CA ASN A 111 -8.64 24.15 13.55
C ASN A 111 -7.41 23.30 13.29
N GLY A 112 -7.16 22.32 14.14
CA GLY A 112 -6.04 21.41 13.99
C GLY A 112 -6.07 20.67 12.66
N ILE A 113 -7.24 20.18 12.27
CA ILE A 113 -7.36 19.35 11.06
C ILE A 113 -7.37 20.23 9.82
N ALA A 114 -7.91 21.43 9.91
CA ALA A 114 -7.89 22.35 8.77
C ALA A 114 -6.44 22.69 8.43
N TYR A 115 -5.61 22.89 9.46
CA TYR A 115 -4.20 23.21 9.29
C TYR A 115 -3.47 22.04 8.62
N CYS A 116 -3.73 20.84 9.14
CA CYS A 116 -3.19 19.59 8.58
C CYS A 116 -3.46 19.50 7.08
N HIS A 117 -4.72 19.67 6.72
CA HIS A 117 -5.17 19.54 5.35
C HIS A 117 -4.58 20.63 4.44
N ASP A 118 -4.45 21.84 4.97
CA ASP A 118 -3.77 22.91 4.26
C ASP A 118 -2.31 22.57 3.98
N ARG A 119 -1.69 21.79 4.88
CA ARG A 119 -0.32 21.30 4.71
C ARG A 119 -0.20 19.94 4.04
N ARG A 120 -1.26 19.48 3.38
CA ARG A 120 -1.29 18.23 2.61
C ARG A 120 -1.05 16.98 3.46
N VAL A 121 -1.56 17.01 4.67
CA VAL A 121 -1.49 15.88 5.58
C VAL A 121 -2.89 15.40 5.88
N LEU A 122 -3.12 14.12 5.61
CA LEU A 122 -4.33 13.43 6.01
C LEU A 122 -3.96 12.59 7.23
N HIS A 123 -4.81 12.60 8.23
CA HIS A 123 -4.51 11.93 9.48
C HIS A 123 -4.91 10.47 9.38
N ARG A 124 -6.15 10.25 8.94
CA ARG A 124 -6.73 8.94 8.61
C ARG A 124 -7.07 8.01 9.77
N ASP A 125 -6.80 8.44 11.00
CA ASP A 125 -7.15 7.63 12.16
C ASP A 125 -7.63 8.45 13.34
N LEU A 126 -8.44 9.49 13.09
CA LEU A 126 -8.98 10.28 14.17
C LEU A 126 -9.99 9.47 14.99
N LYS A 127 -9.83 9.55 16.30
CA LYS A 127 -10.74 8.95 17.25
C LYS A 127 -10.47 9.56 18.62
N PRO A 128 -11.44 9.48 19.53
CA PRO A 128 -11.24 9.99 20.90
C PRO A 128 -9.91 9.64 21.56
N GLN A 129 -9.38 8.45 21.30
CA GLN A 129 -8.12 8.04 21.93
C GLN A 129 -6.94 8.93 21.50
N ASN A 130 -6.93 9.34 20.23
CA ASN A 130 -5.87 10.19 19.67
C ASN A 130 -6.07 11.70 19.87
N LEU A 131 -7.08 12.10 20.64
CA LEU A 131 -7.33 13.50 20.89
C LEU A 131 -7.02 13.77 22.36
N LEU A 132 -5.93 14.50 22.59
CA LEU A 132 -5.37 14.73 23.92
C LEU A 132 -5.90 16.05 24.48
N ILE A 133 -6.12 16.08 25.79
CA ILE A 133 -6.68 17.25 26.45
C ILE A 133 -5.94 17.54 27.78
N ASN A 134 -5.63 18.82 28.02
CA ASN A 134 -4.97 19.23 29.26
C ASN A 134 -5.96 19.92 30.21
N ARG A 135 -5.50 20.35 31.38
CA ARG A 135 -6.41 20.92 32.40
C ARG A 135 -6.96 22.28 32.00
N GLU A 136 -6.26 22.95 31.07
CA GLU A 136 -6.72 24.23 30.51
C GLU A 136 -7.83 24.06 29.46
N GLY A 137 -8.21 22.81 29.15
CA GLY A 137 -9.24 22.53 28.17
C GLY A 137 -8.77 22.71 26.72
N GLU A 138 -7.46 22.57 26.50
CA GLU A 138 -6.87 22.63 25.17
C GLU A 138 -6.81 21.20 24.59
N LEU A 139 -7.16 21.04 23.32
CA LEU A 139 -7.20 19.73 22.67
C LEU A 139 -6.11 19.68 21.61
N LYS A 140 -5.37 18.58 21.58
CA LYS A 140 -4.29 18.43 20.62
C LYS A 140 -4.38 17.06 19.92
N ILE A 141 -4.18 17.08 18.61
CA ILE A 141 -4.28 15.89 17.78
C ILE A 141 -2.94 15.16 17.84
N ALA A 142 -3.01 13.85 18.04
CA ALA A 142 -1.84 12.99 18.18
C ALA A 142 -1.95 11.76 17.26
N ASP A 143 -0.90 10.92 17.24
CA ASP A 143 -0.87 9.64 16.50
C ASP A 143 -1.03 9.70 14.97
N PHE A 144 0.02 10.17 14.31
CA PHE A 144 0.10 10.26 12.86
C PHE A 144 0.73 8.98 12.22
N GLY A 145 0.58 7.84 12.89
CA GLY A 145 1.17 6.59 12.45
C GLY A 145 0.50 5.96 11.25
N LEU A 146 -0.68 6.45 10.89
CA LEU A 146 -1.36 6.01 9.67
C LEU A 146 -1.59 7.18 8.71
N ALA A 147 -0.92 8.30 8.98
CA ALA A 147 -1.14 9.53 8.22
C ALA A 147 -0.56 9.45 6.80
N ARG A 148 -0.86 10.45 5.99
CA ARG A 148 -0.36 10.51 4.63
C ARG A 148 -0.02 11.96 4.27
N ALA A 149 1.23 12.20 3.90
CA ALA A 149 1.73 13.53 3.58
C ALA A 149 2.01 13.67 2.08
N PHE A 150 1.33 14.61 1.43
CA PHE A 150 1.38 14.79 -0.02
C PHE A 150 1.50 13.46 -0.80
N GLY A 151 0.56 12.56 -0.56
CA GLY A 151 0.43 11.29 -1.27
C GLY A 151 1.28 10.13 -0.74
N ILE A 152 2.32 10.42 0.04
CA ILE A 152 3.20 9.40 0.62
C ILE A 152 2.74 8.98 2.02
N PRO A 153 2.31 7.72 2.18
CA PRO A 153 1.79 7.26 3.46
C PRO A 153 2.91 6.97 4.48
N VAL A 154 2.66 7.29 5.75
CA VAL A 154 3.52 6.89 6.85
C VAL A 154 3.51 5.37 6.91
N ARG A 155 2.30 4.82 6.86
CA ARG A 155 2.08 3.38 6.77
C ARG A 155 0.95 3.12 5.78
N LYS A 156 0.99 1.95 5.15
CA LYS A 156 -0.04 1.58 4.18
C LYS A 156 -1.37 1.35 4.89
N TYR A 157 -2.40 2.02 4.38
CA TYR A 157 -3.71 2.03 5.02
C TYR A 157 -4.40 0.69 4.76
N THR A 158 -4.88 0.07 5.83
CA THR A 158 -5.54 -1.24 5.75
C THR A 158 -6.68 -1.36 6.76
N HIS A 159 -7.49 -2.41 6.61
CA HIS A 159 -8.56 -2.70 7.57
C HIS A 159 -8.02 -3.07 8.96
N GLU A 160 -7.08 -4.01 8.98
CA GLU A 160 -6.82 -4.82 10.19
C GLU A 160 -6.29 -4.08 11.41
N VAL A 161 -5.43 -3.10 11.20
CA VAL A 161 -4.90 -2.33 12.33
C VAL A 161 -5.98 -1.38 12.85
N VAL A 162 -6.46 -0.52 11.96
CA VAL A 162 -7.29 0.61 12.36
C VAL A 162 -8.66 0.14 12.85
N THR A 163 -9.18 0.80 13.89
CA THR A 163 -10.58 0.62 14.31
C THR A 163 -11.49 0.89 13.13
N LEU A 164 -12.74 0.43 13.26
CA LEU A 164 -13.71 0.60 12.19
C LEU A 164 -14.67 1.74 12.48
N TRP A 165 -14.83 2.09 13.75
CA TRP A 165 -15.94 2.95 14.18
C TRP A 165 -15.97 4.32 13.50
N TYR A 166 -14.80 4.84 13.12
CA TYR A 166 -14.72 6.20 12.57
C TYR A 166 -14.33 6.20 11.09
N ARG A 167 -14.46 5.04 10.44
CA ARG A 167 -14.15 4.89 9.02
C ARG A 167 -15.32 5.29 8.12
N ALA A 168 -15.01 6.03 7.05
CA ALA A 168 -16.04 6.60 6.17
C ALA A 168 -16.61 5.51 5.24
N PRO A 169 -17.87 5.62 4.84
CA PRO A 169 -18.55 4.56 4.05
C PRO A 169 -17.89 4.24 2.69
N ASP A 170 -17.46 5.28 1.99
CA ASP A 170 -16.71 5.11 0.74
C ASP A 170 -15.42 4.29 0.93
N VAL A 171 -14.71 4.50 2.04
CA VAL A 171 -13.48 3.76 2.34
C VAL A 171 -13.82 2.30 2.62
N LEU A 172 -14.82 2.09 3.47
CA LEU A 172 -15.33 0.75 3.77
C LEU A 172 -15.77 -0.02 2.51
N MET A 173 -16.26 0.69 1.49
CA MET A 173 -16.72 0.04 0.26
C MET A 173 -15.62 -0.05 -0.79
N GLY A 174 -14.38 0.20 -0.39
CA GLY A 174 -13.21 -0.10 -1.21
C GLY A 174 -12.63 1.05 -2.01
N SER A 175 -13.11 2.27 -1.78
CA SER A 175 -12.53 3.42 -2.45
C SER A 175 -11.07 3.59 -1.98
N LYS A 176 -10.15 3.65 -2.95
CA LYS A 176 -8.76 4.00 -2.65
C LYS A 176 -8.51 5.44 -3.05
N LYS A 177 -9.59 6.16 -3.34
CA LYS A 177 -9.53 7.59 -3.54
C LYS A 177 -9.24 8.23 -2.20
N TYR A 178 -7.96 8.50 -1.95
CA TYR A 178 -7.51 9.38 -0.87
C TYR A 178 -8.44 10.59 -0.83
N SER A 179 -8.42 11.31 0.27
CA SER A 179 -9.09 12.60 0.31
C SER A 179 -9.12 13.16 1.71
N THR A 180 -9.20 14.48 1.83
CA THR A 180 -9.42 15.16 3.11
C THR A 180 -10.75 14.75 3.70
N THR A 181 -11.67 14.33 2.82
CA THR A 181 -12.98 13.82 3.19
C THR A 181 -12.94 12.74 4.26
N ILE A 182 -11.92 11.87 4.22
CA ILE A 182 -11.80 10.79 5.21
C ILE A 182 -11.81 11.30 6.65
N ASP A 183 -11.13 12.42 6.87
CA ASP A 183 -10.99 12.98 8.21
C ASP A 183 -12.28 13.70 8.62
N ILE A 184 -12.96 14.34 7.66
CA ILE A 184 -14.19 15.06 7.98
C ILE A 184 -15.24 14.08 8.49
N TRP A 185 -15.33 12.91 7.87
CA TRP A 185 -16.23 11.87 8.35
C TRP A 185 -15.93 11.52 9.82
N SER A 186 -14.65 11.35 10.16
CA SER A 186 -14.25 11.05 11.53
C SER A 186 -14.62 12.16 12.51
N VAL A 187 -14.45 13.41 12.12
CA VAL A 187 -14.82 14.55 12.97
C VAL A 187 -16.31 14.51 13.27
N GLY A 188 -17.11 14.15 12.27
CA GLY A 188 -18.57 14.06 12.43
C GLY A 188 -18.94 12.98 13.43
N CYS A 189 -18.30 11.83 13.32
CA CYS A 189 -18.55 10.75 14.27
C CYS A 189 -18.15 11.13 15.69
N ILE A 190 -17.05 11.87 15.81
CA ILE A 190 -16.54 12.28 17.11
C ILE A 190 -17.46 13.34 17.68
N PHE A 191 -17.94 14.23 16.82
CA PHE A 191 -18.90 15.26 17.19
C PHE A 191 -20.13 14.59 17.82
N ALA A 192 -20.73 13.65 17.09
CA ALA A 192 -21.89 12.88 17.58
C ALA A 192 -21.64 12.20 18.92
N GLU A 193 -20.45 11.64 19.10
CA GLU A 193 -20.09 10.93 20.32
C GLU A 193 -19.92 11.86 21.53
N MET A 194 -19.49 13.09 21.29
CA MET A 194 -19.38 14.09 22.35
C MET A 194 -20.77 14.51 22.84
N VAL A 195 -21.75 14.59 21.94
CA VAL A 195 -23.09 15.04 22.32
C VAL A 195 -23.91 13.94 23.02
N ASN A 196 -23.74 12.69 22.56
CA ASN A 196 -24.49 11.53 23.05
C ASN A 196 -23.76 10.75 24.15
N GLY A 197 -22.44 10.85 24.16
CA GLY A 197 -21.60 10.19 25.15
C GLY A 197 -21.14 8.81 24.73
N THR A 198 -21.61 8.35 23.58
CA THR A 198 -21.35 6.99 23.12
C THR A 198 -21.11 7.01 21.61
N PRO A 199 -20.27 6.11 21.09
CA PRO A 199 -20.01 6.07 19.65
C PRO A 199 -21.29 5.86 18.82
N LEU A 200 -21.38 6.58 17.70
CA LEU A 200 -22.55 6.52 16.81
C LEU A 200 -22.62 5.21 16.02
N PHE A 201 -21.46 4.69 15.61
CA PHE A 201 -21.35 3.53 14.72
C PHE A 201 -20.32 2.48 15.23
N PRO A 202 -20.61 1.78 16.33
CA PRO A 202 -19.68 0.77 16.87
C PRO A 202 -19.71 -0.63 16.19
N GLY A 203 -19.30 -0.72 14.93
CA GLY A 203 -19.23 -1.99 14.22
C GLY A 203 -18.10 -2.91 14.69
N VAL A 204 -18.27 -4.22 14.52
CA VAL A 204 -17.25 -5.20 14.88
C VAL A 204 -16.63 -5.87 13.65
N SER A 205 -17.13 -5.49 12.47
CA SER A 205 -16.52 -5.87 11.19
C SER A 205 -16.85 -4.81 10.12
N GLU A 206 -16.15 -4.87 8.99
CA GLU A 206 -16.40 -3.97 7.89
C GLU A 206 -17.86 -4.01 7.45
N ALA A 207 -18.42 -5.22 7.38
CA ALA A 207 -19.80 -5.43 6.96
C ALA A 207 -20.78 -4.84 7.95
N ASP A 208 -20.53 -5.09 9.24
CA ASP A 208 -21.41 -4.57 10.28
C ASP A 208 -21.26 -3.05 10.44
N GLN A 209 -20.08 -2.52 10.14
CA GLN A 209 -19.82 -1.08 10.21
C GLN A 209 -20.67 -0.32 9.19
N LEU A 210 -20.70 -0.84 7.96
CA LEU A 210 -21.46 -0.25 6.87
C LEU A 210 -22.95 -0.26 7.15
N MET A 211 -23.45 -1.43 7.59
CA MET A 211 -24.86 -1.59 7.94
C MET A 211 -25.28 -0.65 9.07
N ARG A 212 -24.41 -0.47 10.06
CA ARG A 212 -24.69 0.46 11.15
C ARG A 212 -24.81 1.88 10.63
N ILE A 213 -23.94 2.26 9.71
CA ILE A 213 -24.01 3.58 9.08
C ILE A 213 -25.32 3.72 8.29
N PHE A 214 -25.66 2.74 7.47
CA PHE A 214 -26.85 2.81 6.63
C PHE A 214 -28.12 2.79 7.45
N ARG A 215 -28.09 2.08 8.59
CA ARG A 215 -29.27 1.95 9.43
C ARG A 215 -29.74 3.26 9.99
N ILE A 216 -28.81 4.21 10.17
CA ILE A 216 -29.10 5.50 10.76
C ILE A 216 -29.24 6.60 9.70
N LEU A 217 -28.29 6.66 8.77
CA LEU A 217 -28.23 7.73 7.78
C LEU A 217 -28.85 7.34 6.44
N GLY A 218 -29.19 6.07 6.29
CA GLY A 218 -29.86 5.59 5.09
C GLY A 218 -28.93 4.87 4.13
N THR A 219 -29.47 3.91 3.39
CA THR A 219 -28.72 3.20 2.38
C THR A 219 -28.52 4.13 1.19
N PRO A 220 -27.28 4.26 0.72
CA PRO A 220 -27.00 5.04 -0.49
C PRO A 220 -27.70 4.52 -1.74
N ASN A 221 -28.12 5.44 -2.60
CA ASN A 221 -28.59 5.13 -3.95
C ASN A 221 -27.97 6.13 -4.95
N SER A 222 -28.23 5.96 -6.23
CA SER A 222 -27.55 6.76 -7.24
C SER A 222 -28.02 8.22 -7.27
N LYS A 223 -29.20 8.47 -6.73
CA LYS A 223 -29.74 9.83 -6.64
C LYS A 223 -28.98 10.66 -5.60
N ASN A 224 -28.90 10.14 -4.36
CA ASN A 224 -28.18 10.84 -3.28
C ASN A 224 -26.67 10.59 -3.22
N TRP A 225 -26.17 9.59 -3.96
CA TRP A 225 -24.74 9.33 -4.08
C TRP A 225 -24.39 8.89 -5.51
N PRO A 226 -24.26 9.84 -6.42
CA PRO A 226 -23.91 9.52 -7.81
C PRO A 226 -22.64 8.71 -7.96
N ASN A 227 -22.73 7.69 -8.81
CA ASN A 227 -21.62 6.79 -9.12
C ASN A 227 -21.20 5.86 -7.96
N VAL A 228 -22.04 5.78 -6.93
CA VAL A 228 -21.78 4.85 -5.82
C VAL A 228 -21.68 3.40 -6.29
N THR A 229 -22.37 3.08 -7.39
CA THR A 229 -22.38 1.71 -7.93
C THR A 229 -21.03 1.24 -8.46
N GLU A 230 -20.10 2.17 -8.61
CA GLU A 230 -18.77 1.90 -9.12
C GLU A 230 -17.78 1.50 -8.03
N LEU A 231 -18.17 1.61 -6.76
CA LEU A 231 -17.28 1.30 -5.65
C LEU A 231 -17.06 -0.21 -5.64
N PRO A 232 -15.81 -0.62 -5.47
CA PRO A 232 -15.45 -2.06 -5.45
C PRO A 232 -16.37 -2.99 -4.65
N LYS A 233 -16.86 -2.56 -3.51
CA LYS A 233 -17.66 -3.42 -2.64
C LYS A 233 -19.09 -2.91 -2.47
N TYR A 234 -19.54 -2.09 -3.41
CA TYR A 234 -20.95 -1.73 -3.44
C TYR A 234 -21.73 -2.98 -3.81
N ASP A 235 -22.80 -3.22 -3.10
CA ASP A 235 -23.61 -4.42 -3.26
C ASP A 235 -24.99 -3.98 -3.69
N PRO A 236 -25.39 -4.34 -4.91
CA PRO A 236 -26.75 -4.07 -5.41
C PRO A 236 -27.87 -4.40 -4.42
N ASN A 237 -27.65 -5.41 -3.58
CA ASN A 237 -28.69 -5.95 -2.72
C ASN A 237 -28.56 -5.58 -1.24
N PHE A 238 -27.86 -4.48 -0.93
CA PHE A 238 -27.82 -3.95 0.43
C PHE A 238 -29.25 -3.80 0.92
N THR A 239 -29.47 -4.06 2.20
CA THR A 239 -30.77 -3.78 2.80
C THR A 239 -31.02 -2.27 2.69
N VAL A 240 -32.22 -1.90 2.29
CA VAL A 240 -32.55 -0.50 2.07
C VAL A 240 -33.14 0.07 3.35
N TYR A 241 -32.48 1.12 3.87
CA TYR A 241 -32.90 1.81 5.08
C TYR A 241 -33.14 3.27 4.73
N GLU A 242 -34.18 3.84 5.31
CA GLU A 242 -34.49 5.24 5.09
C GLU A 242 -33.62 6.07 6.05
N PRO A 243 -33.29 7.32 5.68
CA PRO A 243 -32.58 8.20 6.61
C PRO A 243 -33.42 8.60 7.82
N LEU A 244 -32.79 8.62 8.99
CA LEU A 244 -33.47 8.96 10.25
C LEU A 244 -33.41 10.45 10.46
N PRO A 245 -34.44 11.02 11.08
CA PRO A 245 -34.38 12.43 11.47
C PRO A 245 -33.24 12.61 12.46
N TRP A 246 -32.44 13.66 12.29
CA TRP A 246 -31.29 13.92 13.17
C TRP A 246 -31.70 14.03 14.65
N GLU A 247 -32.89 14.59 14.89
CA GLU A 247 -33.41 14.77 16.26
C GLU A 247 -33.69 13.43 16.96
N SER A 248 -33.87 12.36 16.21
CA SER A 248 -34.22 11.06 16.77
C SER A 248 -33.02 10.24 17.32
N PHE A 249 -31.79 10.60 16.95
CA PHE A 249 -30.63 9.88 17.48
C PHE A 249 -29.53 10.78 18.07
N LEU A 250 -29.81 12.08 18.13
CA LEU A 250 -28.96 13.05 18.82
C LEU A 250 -29.84 13.78 19.84
N LYS A 251 -29.44 13.71 21.11
CA LYS A 251 -30.13 14.40 22.19
C LYS A 251 -29.45 15.75 22.41
N GLY A 252 -30.24 16.80 22.57
CA GLY A 252 -29.71 18.08 23.01
C GLY A 252 -28.57 18.63 22.16
N LEU A 253 -28.85 18.78 20.87
CA LEU A 253 -28.03 19.56 19.96
C LEU A 253 -28.96 20.56 19.31
N ASP A 254 -28.61 21.84 19.35
CA ASP A 254 -29.46 22.87 18.75
C ASP A 254 -29.43 22.80 17.22
N GLU A 255 -30.34 23.54 16.59
CA GLU A 255 -30.51 23.54 15.14
C GLU A 255 -29.20 23.72 14.35
N SER A 256 -28.35 24.65 14.80
CA SER A 256 -27.08 24.94 14.11
C SER A 256 -26.08 23.81 14.22
N GLY A 257 -26.04 23.15 15.37
CA GLY A 257 -25.17 22.01 15.60
C GLY A 257 -25.56 20.81 14.76
N ILE A 258 -26.86 20.66 14.52
CA ILE A 258 -27.38 19.56 13.69
C ILE A 258 -27.09 19.81 12.22
N ASP A 259 -27.23 21.06 11.80
CA ASP A 259 -26.95 21.44 10.43
C ASP A 259 -25.48 21.19 10.10
N LEU A 260 -24.57 21.58 11.00
CA LEU A 260 -23.13 21.39 10.78
C LEU A 260 -22.81 19.91 10.72
N LEU A 261 -23.38 19.17 11.64
CA LEU A 261 -23.14 17.72 11.74
C LEU A 261 -23.65 16.96 10.51
N SER A 262 -24.80 17.37 10.00
CA SER A 262 -25.36 16.75 8.80
C SER A 262 -24.46 16.99 7.58
N LYS A 263 -23.69 18.07 7.61
CA LYS A 263 -22.80 18.39 6.50
C LYS A 263 -21.45 17.65 6.57
N MET A 264 -21.08 17.17 7.76
CA MET A 264 -19.88 16.33 7.94
C MET A 264 -20.16 14.85 7.62
N LEU A 265 -21.33 14.35 8.01
CA LEU A 265 -21.71 12.96 7.77
C LEU A 265 -22.61 12.85 6.54
N LYS A 266 -22.23 13.52 5.46
CA LYS A 266 -22.76 13.20 4.14
C LYS A 266 -22.05 11.91 3.74
N LEU A 267 -22.77 10.90 3.23
CA LEU A 267 -22.13 9.61 2.87
C LEU A 267 -21.23 9.76 1.64
N ASP A 268 -21.76 10.46 0.64
CA ASP A 268 -21.02 10.81 -0.56
C ASP A 268 -19.89 11.77 -0.17
N PRO A 269 -18.62 11.38 -0.30
CA PRO A 269 -17.52 12.25 0.14
C PRO A 269 -17.49 13.58 -0.61
N ASN A 270 -17.92 13.59 -1.87
CA ASN A 270 -17.98 14.84 -2.65
C ASN A 270 -18.93 15.88 -2.08
N GLN A 271 -19.86 15.46 -1.23
CA GLN A 271 -20.88 16.36 -0.66
C GLN A 271 -20.53 16.86 0.73
N ARG A 272 -19.51 16.27 1.35
CA ARG A 272 -19.10 16.63 2.71
C ARG A 272 -18.50 18.04 2.75
N ILE A 273 -18.81 18.74 3.84
CA ILE A 273 -18.18 20.02 4.14
C ILE A 273 -16.68 19.86 4.40
N THR A 274 -15.93 20.93 4.13
CA THR A 274 -14.51 20.95 4.37
C THR A 274 -14.27 21.52 5.76
N ALA A 275 -13.11 21.20 6.32
CA ALA A 275 -12.71 21.72 7.63
C ALA A 275 -12.80 23.24 7.64
N LYS A 276 -12.29 23.85 6.58
CA LYS A 276 -12.29 25.32 6.44
C LYS A 276 -13.69 25.92 6.43
N GLN A 277 -14.58 25.30 5.66
CA GLN A 277 -15.97 25.74 5.57
C GLN A 277 -16.69 25.55 6.90
N ALA A 278 -16.33 24.49 7.62
CA ALA A 278 -16.98 24.15 8.89
C ALA A 278 -16.68 25.21 9.94
N LEU A 279 -15.45 25.71 9.93
CA LEU A 279 -15.03 26.73 10.88
C LEU A 279 -15.79 28.02 10.69
N GLU A 280 -16.28 28.26 9.46
CA GLU A 280 -17.07 29.45 9.13
C GLU A 280 -18.59 29.30 9.41
N HIS A 281 -19.00 28.14 9.93
CA HIS A 281 -20.42 27.82 10.14
C HIS A 281 -21.01 28.57 11.30
N ALA A 282 -22.28 28.95 11.18
CA ALA A 282 -22.98 29.76 12.20
C ALA A 282 -22.93 29.20 13.62
N TYR A 283 -22.78 27.89 13.74
CA TYR A 283 -22.64 27.19 15.03
C TYR A 283 -21.57 27.80 15.96
N PHE A 284 -20.43 28.17 15.39
CA PHE A 284 -19.38 28.89 16.14
C PHE A 284 -19.72 30.39 16.09
N LYS A 285 -18.82 31.27 16.50
CA LYS A 285 -19.13 32.72 16.47
C LYS A 285 -19.67 33.13 15.10
N GLU A 286 -18.80 33.14 14.09
CA GLU A 286 -19.12 33.49 12.69
C GLU A 286 -20.44 32.94 12.14
N ASN A 287 -21.44 32.74 12.83
N LYS B 3 34.30 -16.53 4.52
CA LYS B 3 34.12 -16.52 6.00
C LYS B 3 33.04 -15.46 6.31
N TYR B 4 31.90 -15.91 6.86
CA TYR B 4 30.68 -15.08 6.93
C TYR B 4 29.94 -15.21 8.27
N HIS B 5 29.36 -14.09 8.73
CA HIS B 5 28.83 -13.96 10.10
C HIS B 5 27.61 -13.07 10.14
N GLY B 6 26.85 -13.15 11.24
CA GLY B 6 25.73 -12.24 11.48
C GLY B 6 24.58 -12.45 10.51
N LEU B 7 24.32 -13.71 10.19
CA LEU B 7 23.33 -14.07 9.18
C LEU B 7 21.96 -13.61 9.65
N GLU B 8 21.20 -13.07 8.70
CA GLU B 8 19.82 -12.58 8.91
C GLU B 8 19.02 -12.97 7.68
N LYS B 9 17.91 -13.69 7.85
CA LYS B 9 17.11 -14.13 6.72
C LYS B 9 16.44 -12.90 6.10
N ILE B 10 16.60 -12.75 4.78
CA ILE B 10 15.96 -11.64 4.05
C ILE B 10 14.92 -12.12 3.03
N GLY B 11 14.95 -13.40 2.69
CA GLY B 11 13.96 -13.97 1.79
C GLY B 11 14.31 -15.38 1.35
N GLU B 12 13.87 -15.74 0.15
CA GLU B 12 14.18 -17.05 -0.45
C GLU B 12 13.93 -17.10 -1.97
N GLY B 13 14.83 -17.75 -2.69
CA GLY B 13 14.62 -18.07 -4.09
C GLY B 13 13.61 -19.20 -4.25
N THR B 14 13.69 -19.90 -5.38
CA THR B 14 12.77 -21.00 -5.67
C THR B 14 13.18 -22.30 -4.94
N TYR B 15 14.48 -22.61 -4.90
CA TYR B 15 15.01 -23.72 -4.09
C TYR B 15 16.16 -23.26 -3.16
N GLY B 16 15.88 -22.33 -2.25
CA GLY B 16 16.88 -21.92 -1.26
C GLY B 16 16.58 -20.65 -0.50
N VAL B 17 17.12 -20.56 0.72
CA VAL B 17 16.92 -19.39 1.60
C VAL B 17 18.07 -18.39 1.43
N VAL B 18 17.75 -17.10 1.51
CA VAL B 18 18.73 -16.03 1.32
C VAL B 18 18.94 -15.28 2.63
N TYR B 19 20.20 -14.96 2.91
CA TYR B 19 20.59 -14.31 4.15
C TYR B 19 21.46 -13.08 3.89
N LYS B 20 21.24 -12.02 4.66
CA LYS B 20 22.19 -10.91 4.76
C LYS B 20 23.29 -11.32 5.74
N ALA B 21 24.55 -11.19 5.32
CA ALA B 21 25.68 -11.58 6.17
C ALA B 21 26.88 -10.65 5.95
N GLN B 22 27.76 -10.59 6.95
CA GLN B 22 28.96 -9.80 6.80
C GLN B 22 30.23 -10.66 6.71
N ASN B 23 31.16 -10.13 5.93
CA ASN B 23 32.54 -10.55 5.83
C ASN B 23 33.35 -10.43 7.10
N ASN B 24 34.59 -10.92 7.04
CA ASN B 24 35.58 -10.65 8.08
C ASN B 24 36.08 -9.21 8.06
N TYR B 25 35.69 -8.44 7.05
CA TYR B 25 35.98 -7.01 6.96
C TYR B 25 34.74 -6.14 7.12
N GLY B 26 33.62 -6.77 7.49
CA GLY B 26 32.38 -6.06 7.80
C GLY B 26 31.58 -5.63 6.58
N GLU B 27 31.94 -6.19 5.43
CA GLU B 27 31.26 -5.93 4.18
C GLU B 27 30.09 -6.91 4.02
N THR B 28 29.01 -6.42 3.45
CA THR B 28 27.76 -7.16 3.40
C THR B 28 27.58 -7.91 2.08
N PHE B 29 27.14 -9.16 2.17
CA PHE B 29 26.82 -9.99 1.01
C PHE B 29 25.53 -10.75 1.27
N ALA B 30 24.93 -11.26 0.21
CA ALA B 30 23.76 -12.12 0.33
C ALA B 30 24.21 -13.55 0.12
N LEU B 31 23.88 -14.44 1.07
CA LEU B 31 24.16 -15.88 0.97
C LEU B 31 22.91 -16.68 0.63
N LYS B 32 23.01 -17.55 -0.36
CA LYS B 32 21.91 -18.36 -0.82
C LYS B 32 22.21 -19.80 -0.41
N LYS B 33 21.64 -20.22 0.72
CA LYS B 33 21.70 -21.62 1.15
C LYS B 33 20.81 -22.47 0.25
N ILE B 34 21.43 -23.32 -0.57
CA ILE B 34 20.72 -24.18 -1.50
C ILE B 34 20.09 -25.33 -0.72
N ARG B 35 18.77 -25.48 -0.85
CA ARG B 35 17.96 -26.38 -0.03
C ARG B 35 18.53 -27.81 0.07
N LEU B 36 18.94 -28.37 -1.07
CA LEU B 36 19.68 -29.64 -1.10
C LEU B 36 18.98 -30.78 -0.35
N THR B 47 22.24 -26.61 -10.19
CA THR B 47 22.91 -25.46 -9.61
C THR B 47 24.16 -25.07 -10.42
N ILE B 48 24.81 -26.07 -11.03
CA ILE B 48 25.96 -25.81 -11.91
C ILE B 48 25.52 -24.99 -13.12
N ARG B 49 24.26 -25.15 -13.50
CA ARG B 49 23.70 -24.47 -14.67
C ARG B 49 23.28 -23.03 -14.36
N GLU B 50 22.73 -22.79 -13.17
CA GLU B 50 22.43 -21.43 -12.70
C GLU B 50 23.72 -20.65 -12.52
N ILE B 51 24.72 -21.31 -11.94
CA ILE B 51 26.06 -20.76 -11.79
C ILE B 51 26.63 -20.42 -13.17
N SER B 52 26.44 -21.31 -14.15
CA SER B 52 26.94 -21.08 -15.50
C SER B 52 26.39 -19.77 -16.08
N ILE B 53 25.09 -19.55 -15.90
CA ILE B 53 24.42 -18.37 -16.43
C ILE B 53 24.93 -17.12 -15.75
N LEU B 54 25.10 -17.15 -14.43
CA LEU B 54 25.57 -16.00 -13.68
C LEU B 54 27.03 -15.63 -14.00
N LYS B 55 27.84 -16.63 -14.37
CA LYS B 55 29.22 -16.43 -14.81
C LYS B 55 29.29 -15.70 -16.14
N GLU B 56 28.35 -15.98 -17.04
CA GLU B 56 28.39 -15.39 -18.39
C GLU B 56 27.70 -14.04 -18.45
N LEU B 57 26.73 -13.80 -17.57
CA LEU B 57 26.00 -12.53 -17.60
C LEU B 57 26.73 -11.50 -16.76
N LYS B 58 27.11 -10.39 -17.40
CA LYS B 58 27.85 -9.31 -16.76
C LYS B 58 27.20 -7.97 -17.18
N HIS B 59 26.25 -7.51 -16.39
CA HIS B 59 25.50 -6.29 -16.72
C HIS B 59 25.13 -5.50 -15.44
N SER B 60 25.00 -4.19 -15.55
CA SER B 60 24.63 -3.35 -14.40
C SER B 60 23.32 -3.74 -13.74
N ASN B 61 22.41 -4.32 -14.50
CA ASN B 61 21.09 -4.68 -13.99
C ASN B 61 20.88 -6.17 -13.83
N ILE B 62 21.97 -6.90 -13.63
CA ILE B 62 21.92 -8.31 -13.27
C ILE B 62 22.80 -8.54 -12.04
N VAL B 63 22.27 -9.26 -11.06
CA VAL B 63 22.96 -9.44 -9.78
C VAL B 63 24.21 -10.28 -10.01
N LYS B 64 25.27 -9.99 -9.27
CA LYS B 64 26.58 -10.61 -9.47
C LYS B 64 26.79 -11.73 -8.47
N LEU B 65 27.43 -12.81 -8.92
CA LEU B 65 27.81 -13.94 -8.07
C LEU B 65 29.30 -13.86 -7.81
N TYR B 66 29.69 -13.99 -6.54
CA TYR B 66 31.09 -13.88 -6.13
C TYR B 66 31.77 -15.20 -5.76
N ASP B 67 31.03 -16.16 -5.23
CA ASP B 67 31.63 -17.41 -4.75
C ASP B 67 30.63 -18.54 -4.61
N VAL B 68 31.14 -19.77 -4.64
CA VAL B 68 30.38 -20.97 -4.33
C VAL B 68 31.15 -21.75 -3.26
N ILE B 69 30.47 -22.10 -2.16
CA ILE B 69 31.14 -22.70 -1.00
C ILE B 69 30.77 -24.17 -0.89
N HIS B 70 31.68 -25.04 -1.35
CA HIS B 70 31.57 -26.49 -1.22
C HIS B 70 31.93 -26.88 0.22
N THR B 71 30.91 -27.26 1.00
CA THR B 71 31.13 -27.84 2.32
C THR B 71 30.44 -29.18 2.42
N LYS B 72 30.90 -30.00 3.36
CA LYS B 72 30.40 -31.37 3.53
C LYS B 72 28.87 -31.42 3.54
N LYS B 73 28.25 -30.69 4.45
CA LYS B 73 26.82 -30.81 4.69
C LYS B 73 25.98 -29.92 3.79
N ARG B 74 26.47 -28.72 3.46
CA ARG B 74 25.66 -27.71 2.78
C ARG B 74 26.35 -27.04 1.58
N LEU B 75 25.58 -26.29 0.81
CA LEU B 75 26.05 -25.60 -0.40
C LEU B 75 25.56 -24.16 -0.37
N VAL B 76 26.48 -23.21 -0.52
CA VAL B 76 26.17 -21.79 -0.37
C VAL B 76 26.68 -20.98 -1.55
N LEU B 77 25.85 -20.12 -2.12
CA LEU B 77 26.27 -19.20 -3.17
C LEU B 77 26.33 -17.78 -2.56
N VAL B 78 27.40 -17.05 -2.81
CA VAL B 78 27.61 -15.72 -2.24
C VAL B 78 27.41 -14.70 -3.34
N PHE B 79 26.45 -13.80 -3.15
CA PHE B 79 26.09 -12.80 -4.11
C PHE B 79 26.33 -11.40 -3.52
N GLU B 80 26.35 -10.39 -4.38
CA GLU B 80 26.20 -9.01 -3.90
C GLU B 80 24.84 -8.89 -3.20
N HIS B 81 24.73 -7.89 -2.33
CA HIS B 81 23.56 -7.71 -1.49
C HIS B 81 22.87 -6.40 -1.86
N LEU B 82 21.55 -6.43 -1.92
CA LEU B 82 20.70 -5.24 -2.13
C LEU B 82 19.64 -5.18 -1.05
N ASP B 83 19.38 -3.98 -0.53
CA ASP B 83 18.57 -3.86 0.68
C ASP B 83 17.14 -4.37 0.51
N GLN B 84 16.56 -4.17 -0.68
CA GLN B 84 15.14 -4.41 -0.90
C GLN B 84 14.88 -5.21 -2.18
N ASP B 85 13.69 -5.76 -2.31
CA ASP B 85 13.15 -6.17 -3.60
C ASP B 85 11.97 -5.26 -4.01
N LEU B 86 11.50 -5.43 -5.24
CA LEU B 86 10.42 -4.58 -5.76
C LEU B 86 9.12 -4.91 -5.03
N LYS B 87 8.97 -6.16 -4.60
CA LYS B 87 7.79 -6.60 -3.88
C LYS B 87 7.61 -5.84 -2.57
N LYS B 88 8.70 -5.45 -1.94
CA LYS B 88 8.63 -4.68 -0.69
C LYS B 88 8.21 -3.24 -0.96
N LEU B 89 8.74 -2.66 -2.04
CA LEU B 89 8.41 -1.28 -2.42
C LEU B 89 6.93 -1.15 -2.81
N LEU B 90 6.38 -2.16 -3.45
CA LEU B 90 4.97 -2.19 -3.81
C LEU B 90 4.06 -2.40 -2.59
N ASP B 91 4.52 -3.20 -1.63
CA ASP B 91 3.70 -3.55 -0.46
C ASP B 91 3.41 -2.37 0.46
N VAL B 92 4.28 -1.35 0.44
CA VAL B 92 4.08 -0.15 1.27
C VAL B 92 3.63 1.08 0.46
N CYS B 93 3.34 0.90 -0.83
CA CYS B 93 2.83 1.99 -1.67
C CYS B 93 1.31 1.94 -1.68
N GLU B 94 0.70 3.07 -2.02
CA GLU B 94 -0.75 3.17 -2.15
C GLU B 94 -1.08 3.65 -3.55
N GLY B 95 -1.69 2.77 -4.34
CA GLY B 95 -2.06 3.11 -5.71
C GLY B 95 -0.89 3.16 -6.66
N GLY B 96 0.15 2.37 -6.40
CA GLY B 96 1.31 2.30 -7.27
C GLY B 96 2.45 3.21 -6.87
N LEU B 97 3.60 2.99 -7.49
CA LEU B 97 4.80 3.79 -7.25
C LEU B 97 4.66 5.16 -7.90
N GLU B 98 5.52 6.09 -7.48
CA GLU B 98 5.69 7.37 -8.15
C GLU B 98 6.00 7.13 -9.63
N SER B 99 5.44 7.95 -10.51
CA SER B 99 5.58 7.78 -11.96
C SER B 99 7.03 7.76 -12.47
N VAL B 100 7.85 8.70 -12.02
CA VAL B 100 9.26 8.79 -12.37
C VAL B 100 10.05 7.55 -11.94
N THR B 101 9.73 7.02 -10.77
CA THR B 101 10.40 5.82 -10.24
C THR B 101 10.00 4.56 -11.01
N ALA B 102 8.71 4.44 -11.34
CA ALA B 102 8.22 3.28 -12.07
C ALA B 102 8.85 3.23 -13.45
N LYS B 103 9.01 4.40 -14.07
CA LYS B 103 9.65 4.53 -15.37
C LYS B 103 11.12 4.11 -15.31
N SER B 104 11.82 4.54 -14.26
CA SER B 104 13.22 4.20 -14.04
C SER B 104 13.41 2.69 -13.91
N PHE B 105 12.59 2.08 -13.06
CA PHE B 105 12.65 0.63 -12.83
C PHE B 105 12.36 -0.14 -14.11
N LEU B 106 11.38 0.31 -14.88
CA LEU B 106 11.05 -0.34 -16.15
C LEU B 106 12.23 -0.23 -17.12
N LEU B 107 12.87 0.94 -17.18
CA LEU B 107 13.98 1.17 -18.10
C LEU B 107 15.13 0.22 -17.76
N GLN B 108 15.42 0.08 -16.47
CA GLN B 108 16.51 -0.77 -16.00
C GLN B 108 16.20 -2.26 -16.20
N LEU B 109 14.95 -2.63 -15.95
CA LEU B 109 14.51 -4.01 -16.14
C LEU B 109 14.63 -4.40 -17.61
N LEU B 110 14.15 -3.53 -18.48
CA LEU B 110 14.25 -3.71 -19.93
C LEU B 110 15.69 -3.79 -20.41
N ASN B 111 16.59 -3.00 -19.82
CA ASN B 111 18.00 -3.04 -20.19
C ASN B 111 18.63 -4.37 -19.77
N GLY B 112 18.33 -4.81 -18.56
CA GLY B 112 18.82 -6.09 -18.08
C GLY B 112 18.31 -7.24 -18.92
N ILE B 113 17.03 -7.21 -19.27
CA ILE B 113 16.36 -8.28 -20.02
C ILE B 113 16.83 -8.34 -21.47
N ALA B 114 17.00 -7.17 -22.09
CA ALA B 114 17.57 -7.08 -23.43
C ALA B 114 18.95 -7.71 -23.50
N TYR B 115 19.76 -7.45 -22.48
CA TYR B 115 21.09 -8.04 -22.39
C TYR B 115 20.98 -9.56 -22.29
N CYS B 116 20.13 -10.07 -21.40
CA CYS B 116 19.90 -11.52 -21.26
C CYS B 116 19.54 -12.19 -22.60
N HIS B 117 18.60 -11.60 -23.30
CA HIS B 117 18.12 -12.13 -24.57
C HIS B 117 19.22 -12.12 -25.63
N ASP B 118 20.03 -11.08 -25.63
CA ASP B 118 21.16 -10.94 -26.56
C ASP B 118 22.17 -12.05 -26.28
N ARG B 119 22.29 -12.47 -25.02
CA ARG B 119 23.23 -13.53 -24.62
C ARG B 119 22.56 -14.90 -24.56
N ARG B 120 21.40 -15.03 -25.20
CA ARG B 120 20.66 -16.27 -25.35
C ARG B 120 20.21 -16.86 -24.01
N VAL B 121 19.74 -15.99 -23.12
CA VAL B 121 19.23 -16.39 -21.83
C VAL B 121 17.80 -15.89 -21.68
N LEU B 122 16.87 -16.82 -21.42
CA LEU B 122 15.52 -16.52 -21.01
C LEU B 122 15.40 -16.68 -19.49
N HIS B 123 14.93 -15.63 -18.82
CA HIS B 123 14.76 -15.70 -17.38
C HIS B 123 13.60 -16.63 -17.01
N ARG B 124 12.41 -16.36 -17.57
CA ARG B 124 11.22 -17.19 -17.42
C ARG B 124 10.48 -17.15 -16.08
N ASP B 125 11.00 -16.44 -15.08
CA ASP B 125 10.29 -16.28 -13.82
C ASP B 125 10.35 -14.89 -13.22
N LEU B 126 10.30 -13.87 -14.07
CA LEU B 126 10.36 -12.50 -13.59
C LEU B 126 9.13 -12.21 -12.74
N LYS B 127 9.37 -11.56 -11.62
CA LYS B 127 8.35 -11.16 -10.67
C LYS B 127 8.98 -10.19 -9.67
N PRO B 128 8.15 -9.44 -8.94
CA PRO B 128 8.66 -8.45 -7.98
C PRO B 128 9.68 -8.99 -6.96
N GLN B 129 9.54 -10.23 -6.53
CA GLN B 129 10.49 -10.89 -5.61
C GLN B 129 11.90 -11.07 -6.20
N ASN B 130 11.99 -11.06 -7.53
CA ASN B 130 13.23 -11.32 -8.27
C ASN B 130 13.90 -10.06 -8.78
N LEU B 131 13.31 -8.90 -8.52
CA LEU B 131 13.87 -7.62 -8.92
C LEU B 131 14.34 -6.88 -7.67
N LEU B 132 15.65 -6.69 -7.56
CA LEU B 132 16.29 -6.16 -6.37
C LEU B 132 16.61 -4.70 -6.60
N ILE B 133 16.51 -3.89 -5.55
CA ILE B 133 16.67 -2.46 -5.64
C ILE B 133 17.55 -1.96 -4.48
N ASN B 134 18.66 -1.32 -4.80
CA ASN B 134 19.56 -0.78 -3.77
C ASN B 134 19.12 0.62 -3.34
N ARG B 135 19.93 1.31 -2.53
CA ARG B 135 19.54 2.61 -2.01
C ARG B 135 19.66 3.73 -3.06
N GLU B 136 20.50 3.50 -4.06
CA GLU B 136 20.66 4.43 -5.18
C GLU B 136 19.59 4.26 -6.28
N GLY B 137 18.62 3.37 -6.06
CA GLY B 137 17.52 3.18 -6.99
C GLY B 137 17.87 2.35 -8.21
N GLU B 138 18.95 1.60 -8.10
CA GLU B 138 19.42 0.72 -9.17
C GLU B 138 18.66 -0.61 -9.04
N LEU B 139 18.23 -1.15 -10.17
CA LEU B 139 17.44 -2.38 -10.21
C LEU B 139 18.32 -3.48 -10.78
N LYS B 140 18.27 -4.66 -10.16
CA LYS B 140 19.04 -5.80 -10.62
C LYS B 140 18.19 -7.07 -10.64
N ILE B 141 18.30 -7.85 -11.71
CA ILE B 141 17.52 -9.08 -11.86
C ILE B 141 18.26 -10.25 -11.20
N ALA B 142 17.55 -11.02 -10.38
CA ALA B 142 18.12 -12.18 -9.71
C ALA B 142 17.31 -13.43 -10.01
N ASP B 143 17.66 -14.52 -9.34
CA ASP B 143 16.95 -15.81 -9.44
C ASP B 143 16.78 -16.35 -10.86
N PHE B 144 17.87 -16.96 -11.35
CA PHE B 144 17.92 -17.60 -12.64
C PHE B 144 17.76 -19.12 -12.50
N GLY B 145 17.18 -19.55 -11.37
CA GLY B 145 16.85 -20.94 -11.12
C GLY B 145 15.97 -21.61 -12.17
N LEU B 146 15.04 -20.86 -12.75
CA LEU B 146 14.15 -21.37 -13.80
C LEU B 146 14.58 -20.98 -15.22
N ALA B 147 15.76 -20.37 -15.39
CA ALA B 147 16.19 -19.87 -16.70
C ALA B 147 16.51 -20.95 -17.74
N ARG B 148 16.57 -20.54 -19.01
CA ARG B 148 17.03 -21.40 -20.11
C ARG B 148 18.13 -20.69 -20.92
N ALA B 149 19.23 -21.40 -21.19
CA ALA B 149 20.41 -20.81 -21.85
C ALA B 149 20.90 -21.62 -23.07
N PHE B 150 20.69 -21.08 -24.27
CA PHE B 150 21.01 -21.75 -25.53
C PHE B 150 20.26 -23.07 -25.61
N GLY B 151 18.94 -23.01 -25.39
CA GLY B 151 18.05 -24.17 -25.41
C GLY B 151 18.14 -25.13 -24.17
N ILE B 152 19.22 -25.07 -23.41
CA ILE B 152 19.46 -26.05 -22.33
C ILE B 152 18.93 -25.54 -20.98
N PRO B 153 17.98 -26.26 -20.38
CA PRO B 153 17.30 -25.77 -19.16
C PRO B 153 18.07 -25.99 -17.85
N VAL B 154 18.07 -24.98 -16.98
CA VAL B 154 18.60 -25.11 -15.62
C VAL B 154 17.74 -26.12 -14.88
N ARG B 155 16.42 -25.88 -14.91
CA ARG B 155 15.43 -26.86 -14.45
C ARG B 155 14.26 -26.94 -15.44
N LYS B 156 13.45 -27.99 -15.31
CA LYS B 156 12.29 -28.17 -16.17
C LYS B 156 11.15 -27.21 -15.78
N TYR B 157 10.50 -26.64 -16.78
CA TYR B 157 9.45 -25.64 -16.59
C TYR B 157 8.12 -26.32 -16.28
N THR B 158 7.58 -26.09 -15.08
CA THR B 158 6.35 -26.76 -14.63
C THR B 158 5.42 -25.85 -13.82
N HIS B 159 4.34 -26.43 -13.28
CA HIS B 159 3.34 -25.69 -12.49
C HIS B 159 3.60 -25.76 -10.98
N GLU B 160 4.31 -26.80 -10.54
CA GLU B 160 4.19 -27.32 -9.17
C GLU B 160 4.82 -26.44 -8.07
N VAL B 161 5.85 -25.68 -8.42
CA VAL B 161 6.63 -24.92 -7.44
C VAL B 161 6.65 -23.41 -7.74
N VAL B 162 5.83 -22.96 -8.68
CA VAL B 162 6.05 -21.68 -9.36
C VAL B 162 4.88 -20.70 -9.24
N THR B 163 5.19 -19.41 -9.43
CA THR B 163 4.21 -18.31 -9.46
C THR B 163 3.59 -18.26 -10.85
N LEU B 164 2.27 -18.11 -10.92
CA LEU B 164 1.59 -18.07 -12.23
C LEU B 164 1.23 -16.66 -12.72
N TRP B 165 1.29 -15.66 -11.84
CA TRP B 165 0.73 -14.32 -12.14
C TRP B 165 1.37 -13.58 -13.33
N TYR B 166 2.60 -13.99 -13.68
CA TYR B 166 3.41 -13.33 -14.72
C TYR B 166 3.68 -14.22 -15.95
N ARG B 167 2.95 -15.34 -16.04
CA ARG B 167 3.08 -16.33 -17.12
C ARG B 167 2.24 -15.94 -18.32
N ALA B 168 2.82 -16.07 -19.52
CA ALA B 168 2.16 -15.68 -20.76
C ALA B 168 1.07 -16.69 -21.15
N PRO B 169 0.01 -16.26 -21.85
CA PRO B 169 -1.12 -17.15 -22.17
C PRO B 169 -0.76 -18.29 -23.12
N ASP B 170 0.09 -18.01 -24.10
CA ASP B 170 0.62 -19.06 -24.97
C ASP B 170 1.30 -20.20 -24.17
N VAL B 171 2.08 -19.84 -23.15
CA VAL B 171 2.78 -20.80 -22.30
C VAL B 171 1.77 -21.63 -21.46
N LEU B 172 0.78 -20.96 -20.93
CA LEU B 172 -0.30 -21.58 -20.16
C LEU B 172 -1.13 -22.53 -21.03
N MET B 173 -1.21 -22.25 -22.32
CA MET B 173 -1.94 -23.08 -23.27
C MET B 173 -1.08 -24.19 -23.88
N GLY B 174 0.16 -24.33 -23.41
CA GLY B 174 0.99 -25.50 -23.71
C GLY B 174 2.15 -25.27 -24.68
N SER B 175 2.40 -24.02 -25.05
CA SER B 175 3.54 -23.67 -25.90
C SER B 175 4.85 -24.05 -25.22
N LYS B 176 5.72 -24.75 -25.95
CA LYS B 176 7.01 -25.20 -25.43
C LYS B 176 8.22 -24.54 -26.09
N LYS B 177 7.97 -23.69 -27.08
CA LYS B 177 9.04 -23.11 -27.89
C LYS B 177 9.99 -22.27 -27.07
N TYR B 178 11.27 -22.26 -27.45
CA TYR B 178 12.21 -21.25 -26.95
C TYR B 178 11.75 -19.92 -27.50
N SER B 179 11.49 -18.98 -26.60
CA SER B 179 10.96 -17.69 -26.98
C SER B 179 11.31 -16.61 -25.96
N THR B 180 11.92 -15.53 -26.45
CA THR B 180 12.19 -14.33 -25.67
C THR B 180 10.90 -13.62 -25.29
N THR B 181 9.84 -13.86 -26.06
CA THR B 181 8.52 -13.25 -25.83
C THR B 181 7.96 -13.55 -24.44
N ILE B 182 8.37 -14.68 -23.85
CA ILE B 182 7.92 -15.07 -22.52
C ILE B 182 8.24 -14.02 -21.45
N ASP B 183 9.42 -13.43 -21.54
CA ASP B 183 9.86 -12.47 -20.55
C ASP B 183 9.18 -11.13 -20.74
N ILE B 184 8.86 -10.79 -21.99
CA ILE B 184 8.23 -9.51 -22.30
C ILE B 184 6.83 -9.42 -21.71
N TRP B 185 6.10 -10.53 -21.76
CA TRP B 185 4.79 -10.60 -21.14
C TRP B 185 4.92 -10.30 -19.63
N SER B 186 5.86 -10.97 -18.99
CA SER B 186 6.13 -10.73 -17.57
C SER B 186 6.47 -9.26 -17.28
N VAL B 187 7.23 -8.63 -18.17
CA VAL B 187 7.61 -7.21 -17.98
C VAL B 187 6.39 -6.32 -18.04
N GLY B 188 5.47 -6.64 -18.96
CA GLY B 188 4.22 -5.92 -19.08
C GLY B 188 3.41 -6.05 -17.81
N CYS B 189 3.31 -7.26 -17.26
CA CYS B 189 2.60 -7.51 -16.00
C CYS B 189 3.20 -6.75 -14.82
N ILE B 190 4.54 -6.71 -14.75
CA ILE B 190 5.23 -5.97 -13.69
C ILE B 190 5.05 -4.47 -13.88
N PHE B 191 5.06 -4.01 -15.12
CA PHE B 191 4.81 -2.62 -15.46
C PHE B 191 3.43 -2.26 -14.93
N ALA B 192 2.41 -3.03 -15.31
CA ALA B 192 1.04 -2.78 -14.82
C ALA B 192 0.98 -2.71 -13.29
N GLU B 193 1.72 -3.60 -12.63
CA GLU B 193 1.71 -3.69 -11.17
C GLU B 193 2.34 -2.48 -10.48
N MET B 194 3.33 -1.90 -11.13
CA MET B 194 3.98 -0.66 -10.67
C MET B 194 3.08 0.58 -10.85
N VAL B 195 2.23 0.57 -11.87
CA VAL B 195 1.31 1.71 -12.09
C VAL B 195 0.12 1.63 -11.12
N ASN B 196 -0.39 0.43 -10.88
CA ASN B 196 -1.62 0.23 -10.10
C ASN B 196 -1.42 0.00 -8.61
N GLY B 197 -0.31 -0.61 -8.23
CA GLY B 197 -0.04 -1.00 -6.85
C GLY B 197 -0.36 -2.45 -6.55
N THR B 198 -0.94 -3.16 -7.51
CA THR B 198 -1.48 -4.51 -7.26
C THR B 198 -1.35 -5.42 -8.52
N PRO B 199 -1.24 -6.74 -8.34
CA PRO B 199 -1.12 -7.65 -9.48
C PRO B 199 -2.29 -7.58 -10.48
N LEU B 200 -2.00 -7.38 -11.76
CA LEU B 200 -3.03 -7.33 -12.80
C LEU B 200 -3.80 -8.65 -12.96
N PHE B 201 -3.10 -9.78 -12.81
CA PHE B 201 -3.64 -11.12 -13.06
C PHE B 201 -3.27 -12.12 -11.95
N PRO B 202 -3.86 -11.95 -10.75
CA PRO B 202 -3.55 -12.84 -9.62
C PRO B 202 -4.34 -14.16 -9.58
N GLY B 203 -3.95 -15.10 -10.44
CA GLY B 203 -4.60 -16.40 -10.54
C GLY B 203 -4.04 -17.48 -9.62
N VAL B 204 -4.83 -18.54 -9.44
CA VAL B 204 -4.58 -19.60 -8.45
C VAL B 204 -4.39 -20.99 -9.09
N SER B 205 -4.64 -21.09 -10.40
CA SER B 205 -4.27 -22.27 -11.18
C SER B 205 -4.01 -21.84 -12.63
N GLU B 206 -3.49 -22.75 -13.45
CA GLU B 206 -3.13 -22.44 -14.83
C GLU B 206 -4.30 -21.86 -15.61
N ALA B 207 -5.46 -22.51 -15.51
CA ALA B 207 -6.62 -22.11 -16.29
C ALA B 207 -7.33 -20.90 -15.71
N ASP B 208 -7.20 -20.68 -14.40
CA ASP B 208 -7.75 -19.46 -13.77
C ASP B 208 -6.95 -18.23 -14.20
N GLN B 209 -5.63 -18.40 -14.25
CA GLN B 209 -4.70 -17.40 -14.78
C GLN B 209 -5.09 -16.97 -16.20
N LEU B 210 -5.33 -17.97 -17.06
CA LEU B 210 -5.74 -17.75 -18.45
C LEU B 210 -7.04 -16.96 -18.52
N MET B 211 -8.03 -17.38 -17.75
CA MET B 211 -9.34 -16.73 -17.79
C MET B 211 -9.25 -15.30 -17.28
N ARG B 212 -8.40 -15.05 -16.27
CA ARG B 212 -8.22 -13.68 -15.77
C ARG B 212 -7.64 -12.75 -16.83
N ILE B 213 -6.70 -13.27 -17.60
CA ILE B 213 -6.11 -12.53 -18.71
C ILE B 213 -7.17 -12.20 -19.77
N PHE B 214 -7.99 -13.19 -20.12
CA PHE B 214 -8.99 -13.07 -21.18
C PHE B 214 -10.08 -12.08 -20.79
N ARG B 215 -10.45 -12.07 -19.51
CA ARG B 215 -11.48 -11.13 -19.01
C ARG B 215 -11.04 -9.67 -19.08
N ILE B 216 -9.73 -9.39 -19.01
CA ILE B 216 -9.23 -8.03 -19.18
C ILE B 216 -8.92 -7.76 -20.66
N LEU B 217 -8.11 -8.62 -21.28
CA LEU B 217 -7.55 -8.32 -22.59
C LEU B 217 -8.31 -8.90 -23.77
N GLY B 218 -9.27 -9.79 -23.51
CA GLY B 218 -10.11 -10.40 -24.53
C GLY B 218 -9.75 -11.84 -24.83
N THR B 219 -10.74 -12.65 -25.20
CA THR B 219 -10.48 -14.04 -25.60
C THR B 219 -9.88 -14.02 -26.99
N PRO B 220 -8.78 -14.76 -27.20
CA PRO B 220 -8.17 -14.87 -28.52
C PRO B 220 -9.13 -15.42 -29.57
N ASN B 221 -8.96 -14.96 -30.80
CA ASN B 221 -9.56 -15.58 -31.96
C ASN B 221 -8.51 -15.64 -33.06
N SER B 222 -8.79 -16.39 -34.12
CA SER B 222 -7.83 -16.59 -35.20
C SER B 222 -7.45 -15.33 -36.00
N LYS B 223 -8.33 -14.33 -36.04
CA LYS B 223 -7.97 -13.04 -36.67
C LYS B 223 -6.86 -12.34 -35.87
N ASN B 224 -7.09 -12.15 -34.57
CA ASN B 224 -6.11 -11.44 -33.72
C ASN B 224 -4.96 -12.28 -33.17
N TRP B 225 -5.01 -13.59 -33.39
CA TRP B 225 -3.91 -14.49 -33.01
C TRP B 225 -3.97 -15.73 -33.91
N PRO B 226 -3.40 -15.61 -35.11
CA PRO B 226 -3.38 -16.72 -36.07
C PRO B 226 -2.74 -18.00 -35.54
N ASN B 227 -3.39 -19.12 -35.81
CA ASN B 227 -2.92 -20.45 -35.40
C ASN B 227 -3.00 -20.74 -33.90
N VAL B 228 -3.73 -19.90 -33.17
CA VAL B 228 -3.96 -20.13 -31.74
C VAL B 228 -4.66 -21.46 -31.48
N THR B 229 -5.42 -21.92 -32.48
CA THR B 229 -6.18 -23.16 -32.37
C THR B 229 -5.30 -24.41 -32.34
N GLU B 230 -4.01 -24.27 -32.66
CA GLU B 230 -3.06 -25.40 -32.65
C GLU B 230 -2.44 -25.65 -31.29
N LEU B 231 -2.62 -24.73 -30.35
CA LEU B 231 -1.99 -24.81 -29.04
C LEU B 231 -2.56 -26.00 -28.29
N PRO B 232 -1.70 -26.80 -27.64
CA PRO B 232 -2.15 -28.06 -27.03
C PRO B 232 -3.37 -27.95 -26.10
N LYS B 233 -3.51 -26.84 -25.38
CA LYS B 233 -4.61 -26.66 -24.44
C LYS B 233 -5.58 -25.53 -24.84
N TYR B 234 -5.57 -25.14 -26.09
CA TYR B 234 -6.65 -24.31 -26.63
C TYR B 234 -7.95 -25.11 -26.62
N ASP B 235 -9.01 -24.45 -26.19
CA ASP B 235 -10.35 -25.03 -26.16
C ASP B 235 -11.20 -24.15 -27.07
N PRO B 236 -11.84 -24.74 -28.08
CA PRO B 236 -12.72 -23.97 -28.97
C PRO B 236 -13.93 -23.37 -28.24
N ASN B 237 -14.22 -23.87 -27.05
CA ASN B 237 -15.37 -23.44 -26.28
C ASN B 237 -15.06 -22.42 -25.17
N PHE B 238 -13.88 -21.79 -25.23
CA PHE B 238 -13.58 -20.67 -24.33
C PHE B 238 -14.71 -19.64 -24.43
N THR B 239 -15.17 -19.14 -23.28
CA THR B 239 -16.16 -18.06 -23.23
C THR B 239 -15.52 -16.80 -23.82
N VAL B 240 -16.29 -16.05 -24.60
CA VAL B 240 -15.75 -14.96 -25.38
C VAL B 240 -15.91 -13.66 -24.62
N TYR B 241 -14.80 -13.04 -24.26
CA TYR B 241 -14.80 -11.73 -23.62
C TYR B 241 -14.22 -10.71 -24.60
N GLU B 242 -14.74 -9.48 -24.55
CA GLU B 242 -14.19 -8.42 -25.36
C GLU B 242 -13.14 -7.70 -24.54
N PRO B 243 -12.15 -7.06 -25.17
CA PRO B 243 -11.12 -6.35 -24.44
C PRO B 243 -11.68 -5.14 -23.67
N LEU B 244 -11.27 -4.98 -22.42
CA LEU B 244 -11.55 -3.76 -21.66
C LEU B 244 -10.70 -2.64 -22.21
N PRO B 245 -11.20 -1.39 -22.16
CA PRO B 245 -10.37 -0.25 -22.53
C PRO B 245 -9.14 -0.20 -21.61
N TRP B 246 -7.98 0.16 -22.17
CA TRP B 246 -6.73 0.17 -21.42
C TRP B 246 -6.79 1.11 -20.22
N GLU B 247 -7.51 2.22 -20.39
CA GLU B 247 -7.58 3.28 -19.39
C GLU B 247 -8.41 2.87 -18.17
N SER B 248 -9.26 1.85 -18.32
CA SER B 248 -10.13 1.41 -17.23
C SER B 248 -9.45 0.54 -16.17
N PHE B 249 -8.32 -0.09 -16.52
CA PHE B 249 -7.54 -0.87 -15.55
C PHE B 249 -6.09 -0.40 -15.38
N LEU B 250 -5.73 0.71 -16.03
CA LEU B 250 -4.42 1.33 -15.85
C LEU B 250 -4.60 2.82 -15.55
N LYS B 251 -5.15 3.10 -14.37
CA LYS B 251 -5.53 4.47 -13.99
C LYS B 251 -4.29 5.28 -13.64
N GLY B 252 -4.18 6.48 -14.19
CA GLY B 252 -3.06 7.36 -13.90
C GLY B 252 -1.81 7.04 -14.69
N LEU B 253 -1.99 6.62 -15.95
CA LEU B 253 -0.89 6.31 -16.85
C LEU B 253 -1.07 7.09 -18.14
N ASP B 254 -0.07 7.88 -18.51
CA ASP B 254 -0.14 8.75 -19.67
C ASP B 254 -0.16 7.97 -20.98
N GLU B 255 -0.43 8.65 -22.08
CA GLU B 255 -0.71 8.02 -23.37
C GLU B 255 0.42 7.15 -23.91
N SER B 256 1.66 7.63 -23.79
CA SER B 256 2.80 6.88 -24.30
C SER B 256 3.08 5.63 -23.46
N GLY B 257 2.91 5.73 -22.15
CA GLY B 257 3.05 4.58 -21.25
C GLY B 257 2.01 3.51 -21.54
N ILE B 258 0.78 3.92 -21.83
CA ILE B 258 -0.29 3.00 -22.18
C ILE B 258 0.04 2.30 -23.50
N ASP B 259 0.63 3.04 -24.44
CA ASP B 259 1.00 2.49 -25.74
C ASP B 259 2.07 1.41 -25.60
N LEU B 260 3.11 1.71 -24.85
CA LEU B 260 4.18 0.75 -24.60
C LEU B 260 3.62 -0.51 -23.92
N LEU B 261 2.83 -0.31 -22.87
CA LEU B 261 2.29 -1.41 -22.10
C LEU B 261 1.42 -2.34 -22.96
N SER B 262 0.59 -1.76 -23.82
CA SER B 262 -0.30 -2.55 -24.68
C SER B 262 0.48 -3.41 -25.67
N LYS B 263 1.68 -2.96 -26.02
CA LYS B 263 2.53 -3.66 -26.98
C LYS B 263 3.32 -4.79 -26.31
N MET B 264 3.48 -4.72 -24.99
CA MET B 264 4.07 -5.82 -24.22
C MET B 264 3.03 -6.91 -23.98
N LEU B 265 1.80 -6.50 -23.69
CA LEU B 265 0.73 -7.45 -23.39
C LEU B 265 -0.13 -7.78 -24.62
N LYS B 266 0.52 -7.97 -25.77
CA LYS B 266 -0.13 -8.64 -26.90
C LYS B 266 -0.25 -10.11 -26.54
N LEU B 267 -1.42 -10.70 -26.75
CA LEU B 267 -1.63 -12.11 -26.40
C LEU B 267 -0.80 -12.99 -27.32
N ASP B 268 -0.83 -12.70 -28.61
CA ASP B 268 -0.04 -13.42 -29.61
C ASP B 268 1.43 -13.04 -29.42
N PRO B 269 2.27 -14.00 -29.04
CA PRO B 269 3.67 -13.69 -28.75
C PRO B 269 4.43 -13.11 -29.96
N ASN B 270 4.03 -13.48 -31.16
CA ASN B 270 4.62 -12.95 -32.40
C ASN B 270 4.39 -11.47 -32.57
N GLN B 271 3.35 -10.96 -31.92
CA GLN B 271 2.97 -9.54 -32.03
C GLN B 271 3.57 -8.66 -30.93
N ARG B 272 4.20 -9.29 -29.94
CA ARG B 272 4.78 -8.57 -28.81
C ARG B 272 6.02 -7.80 -29.20
N ILE B 273 6.18 -6.63 -28.58
CA ILE B 273 7.37 -5.83 -28.73
C ILE B 273 8.56 -6.62 -28.13
N THR B 274 9.76 -6.42 -28.66
CA THR B 274 10.99 -6.97 -28.08
C THR B 274 11.49 -5.97 -27.04
N ALA B 275 12.41 -6.43 -26.19
CA ALA B 275 13.06 -5.56 -25.22
C ALA B 275 13.82 -4.42 -25.91
N LYS B 276 14.53 -4.73 -27.00
CA LYS B 276 15.31 -3.73 -27.72
C LYS B 276 14.43 -2.63 -28.30
N GLN B 277 13.26 -3.02 -28.79
CA GLN B 277 12.29 -2.10 -29.37
C GLN B 277 11.63 -1.22 -28.30
N ALA B 278 11.36 -1.80 -27.14
CA ALA B 278 10.70 -1.07 -26.05
C ALA B 278 11.60 0.03 -25.48
N LEU B 279 12.91 -0.20 -25.49
CA LEU B 279 13.88 0.79 -25.02
C LEU B 279 13.92 2.02 -25.96
N GLU B 280 13.56 1.81 -27.23
CA GLU B 280 13.47 2.87 -28.24
C GLU B 280 12.13 3.64 -28.23
N HIS B 281 11.20 3.27 -27.34
CA HIS B 281 9.87 3.87 -27.28
C HIS B 281 9.90 5.31 -26.74
N ALA B 282 8.91 6.09 -27.15
CA ALA B 282 8.77 7.50 -26.75
C ALA B 282 8.57 7.71 -25.26
N TYR B 283 7.93 6.75 -24.60
CA TYR B 283 7.69 6.78 -23.15
C TYR B 283 8.95 7.11 -22.35
N PHE B 284 10.09 6.58 -22.79
CA PHE B 284 11.37 6.82 -22.11
C PHE B 284 12.01 8.15 -22.50
N LYS B 285 11.64 8.66 -23.68
CA LYS B 285 12.13 9.97 -24.17
C LYS B 285 11.32 11.18 -23.70
N GLU B 286 10.26 10.96 -22.91
CA GLU B 286 9.33 12.02 -22.51
C GLU B 286 9.31 12.23 -21.00
N ASN B 287 8.26 12.17 -20.35
C1 INR C . -2.12 10.41 27.41
C2 INR C . -2.46 9.38 26.57
C6 INR C . -2.77 10.47 28.64
N7 INR C . -1.15 11.26 26.88
C3 INR C . -3.41 8.40 26.87
C8 INR C . -1.62 9.56 25.37
C4 INR C . -4.04 8.49 28.11
C5 INR C . -3.72 9.52 29.00
O10 INR C . -1.60 8.84 24.33
C9 INR C . -0.83 10.79 25.66
C11 INR C . 0.13 11.43 24.87
C12 INR C . 0.86 12.66 25.29
C15 INR C . 0.69 11.18 23.52
O13 INR C . 0.73 13.27 26.42
N14 INR C . 1.72 13.07 24.34
C16 INR C . 1.59 12.19 23.33
C20 INR C . 0.46 10.18 22.51
C19 INR C . 1.21 10.25 21.31
C18 INR C . 2.13 11.30 21.13
S21 INR C . 0.99 9.16 20.15
C17 INR C . 2.33 12.27 22.11
O24 INR C . 1.64 7.88 20.54
O23 INR C . 1.63 9.60 18.89
O22 INR C . -0.44 8.88 19.94
C1 INR D . 16.64 -8.94 -0.54
C2 INR D . 15.71 -9.89 -0.90
C6 INR D . 16.21 -7.93 0.32
N7 INR D . 17.90 -9.15 -1.11
C3 INR D . 14.39 -9.92 -0.46
C8 INR D . 16.45 -10.83 -1.78
C4 INR D . 13.98 -8.89 0.38
C5 INR D . 14.89 -7.91 0.78
O10 INR D . 15.98 -11.86 -2.37
C9 INR D . 17.84 -10.28 -1.87
C11 INR D . 18.94 -10.76 -2.60
C12 INR D . 20.28 -10.13 -2.60
C15 INR D . 19.18 -11.93 -3.50
O13 INR D . 20.63 -9.09 -1.97
N14 INR D . 21.16 -10.79 -3.36
C16 INR D . 20.49 -11.83 -3.87
C20 INR D . 18.38 -13.01 -4.01
C19 INR D . 18.98 -13.96 -4.89
C18 INR D . 20.32 -13.82 -5.25
S21 INR D . 18.11 -15.17 -5.48
C17 INR D . 21.09 -12.78 -4.76
O24 INR D . 17.93 -16.28 -4.52
O23 INR D . 18.74 -15.75 -6.70
O22 INR D . 16.82 -14.59 -5.86
#